data_9DI6
#
_entry.id   9DI6
#
_cell.length_a   73.768
_cell.length_b   73.768
_cell.length_c   328.285
_cell.angle_alpha   90.000
_cell.angle_beta   90.000
_cell.angle_gamma   120.000
#
_symmetry.space_group_name_H-M   'P 61 2 2'
#
loop_
_entity.id
_entity.type
_entity.pdbx_description
1 polymer 'Dihydroorotate dehydrogenase (quinone), mitochondrial'
2 non-polymer 'ethyl 1,4-dimethyl-5-{[6-(trifluoromethyl)pyridin-3-yl]methyl}-1H-pyrazole-3-carboxylate'
3 non-polymer 'FLAVIN MONONUCLEOTIDE'
4 non-polymer 6-[bis(oxidanyl)methyl]-5~{H}-pyrimidine-2,4-dione
5 non-polymer 'CITRIC ACID'
6 non-polymer 'LAURYL DIMETHYLAMINE-N-OXIDE'
7 water water
#
_entity_poly.entity_id   1
_entity_poly.type   'polypeptide(L)'
_entity_poly.pdbx_seq_one_letter_code
;MGHHHHHHAENLYFQGADPFESYNPEFFLYDIFLKFCLKYIDGEICHDLFLLLGKYNILPYDTSNDSIYACTNIKHLDFI
NPFGVAAGFDKNGVCIDSILKLGFSFIEIGTITPRGQTGNAKPRIFRDVESRSIINSCGFNNMGCDKVTENLILFRKRQE
EDKLLSKHIVGVSIGKNKDTVNIVDDLKYCINKIGRYADYIAINVSSPNTPGLRDNQEAGKLKNIILSVKEEIDNLEKNN
IMNDEFLWFNTTKKKPLVFVKLAPDLNQEQKKEIADVLLETNIDGMIISNTTTQINDIKSFENKKGGVSGAKLKDISTKF
ICEMYNYTNKQIPIIASGGIFSGLDALEKIEAGASVCQLYSCLVFNGMKSAVQIKRELNHLLYQRGYYNLKEAIGRKHSK
S
;
_entity_poly.pdbx_strand_id   A
#
# COMPACT_ATOMS: atom_id res chain seq x y z
N ASN A 24 6.14 -21.65 12.93
CA ASN A 24 4.73 -22.04 12.85
C ASN A 24 4.51 -23.00 11.68
N PRO A 25 4.03 -24.22 11.95
CA PRO A 25 3.84 -25.18 10.85
C PRO A 25 2.70 -24.80 9.91
N GLU A 26 1.87 -23.83 10.28
CA GLU A 26 0.71 -23.49 9.45
C GLU A 26 1.14 -22.89 8.12
N PHE A 27 2.19 -22.05 8.12
CA PHE A 27 2.70 -21.53 6.87
C PHE A 27 3.19 -22.65 5.96
N PHE A 28 3.91 -23.62 6.53
CA PHE A 28 4.35 -24.77 5.77
C PHE A 28 3.16 -25.50 5.14
N LEU A 29 2.13 -25.78 5.95
CA LEU A 29 0.96 -26.49 5.44
C LEU A 29 0.33 -25.74 4.27
N TYR A 30 0.33 -24.41 4.32
CA TYR A 30 -0.32 -23.64 3.27
C TYR A 30 0.49 -23.68 1.97
N ASP A 31 1.82 -23.61 2.07
CA ASP A 31 2.66 -23.61 0.88
C ASP A 31 2.50 -24.88 0.04
N ILE A 32 1.85 -25.91 0.59
CA ILE A 32 1.63 -27.13 -0.18
C ILE A 32 0.77 -26.86 -1.40
N PHE A 33 -0.10 -25.85 -1.33
CA PHE A 33 -1.07 -25.56 -2.37
C PHE A 33 -0.71 -24.36 -3.23
N LEU A 34 0.46 -23.75 -3.03
CA LEU A 34 0.77 -22.52 -3.73
C LEU A 34 0.99 -22.76 -5.22
N LYS A 35 1.82 -23.75 -5.57
CA LYS A 35 2.06 -24.04 -6.98
C LYS A 35 0.77 -24.49 -7.66
N PHE A 36 -0.04 -25.30 -6.98
CA PHE A 36 -1.34 -25.70 -7.52
C PHE A 36 -2.20 -24.49 -7.83
N CYS A 37 -2.25 -23.52 -6.92
CA CYS A 37 -3.02 -22.30 -7.17
C CYS A 37 -2.52 -21.57 -8.41
N LEU A 38 -1.19 -21.42 -8.53
CA LEU A 38 -0.64 -20.66 -9.64
C LEU A 38 -0.87 -21.36 -10.97
N LYS A 39 -0.96 -22.68 -10.98
CA LYS A 39 -1.04 -23.44 -12.23
C LYS A 39 -2.47 -23.68 -12.69
N TYR A 40 -3.42 -23.83 -11.76
CA TYR A 40 -4.76 -24.27 -12.11
C TYR A 40 -5.88 -23.28 -11.78
N ILE A 41 -5.63 -22.30 -10.91
CA ILE A 41 -6.68 -21.42 -10.41
C ILE A 41 -6.43 -20.01 -10.92
N ASP A 42 -7.48 -19.39 -11.46
CA ASP A 42 -7.38 -18.02 -11.94
C ASP A 42 -6.93 -17.10 -10.82
N GLY A 43 -6.17 -16.06 -11.19
CA GLY A 43 -5.54 -15.22 -10.20
C GLY A 43 -6.54 -14.50 -9.31
N GLU A 44 -7.53 -13.85 -9.91
CA GLU A 44 -8.53 -13.15 -9.12
C GLU A 44 -9.33 -14.11 -8.25
N ILE A 45 -9.56 -15.33 -8.73
CA ILE A 45 -10.21 -16.34 -7.90
C ILE A 45 -9.30 -16.73 -6.74
N CYS A 46 -8.00 -16.89 -7.01
CA CYS A 46 -7.04 -17.14 -5.93
C CYS A 46 -7.16 -16.04 -4.87
N HIS A 47 -7.21 -14.79 -5.31
CA HIS A 47 -7.34 -13.67 -4.38
C HIS A 47 -8.63 -13.76 -3.58
N ASP A 48 -9.74 -14.08 -4.25
CA ASP A 48 -11.00 -14.24 -3.54
C ASP A 48 -10.90 -15.35 -2.50
N LEU A 49 -10.25 -16.46 -2.86
CA LEU A 49 -10.02 -17.54 -1.89
C LEU A 49 -9.21 -17.05 -0.71
N PHE A 50 -8.14 -16.29 -0.97
CA PHE A 50 -7.34 -15.70 0.09
C PHE A 50 -8.22 -14.92 1.07
N LEU A 51 -9.05 -14.02 0.54
CA LEU A 51 -9.91 -13.21 1.40
C LEU A 51 -10.95 -14.08 2.11
N LEU A 52 -11.44 -15.13 1.46
CA LEU A 52 -12.43 -15.99 2.10
C LEU A 52 -11.83 -16.73 3.27
N LEU A 53 -10.64 -17.32 3.09
CA LEU A 53 -9.98 -18.02 4.19
C LEU A 53 -9.76 -17.07 5.38
N GLY A 54 -9.34 -15.84 5.09
CA GLY A 54 -9.13 -14.88 6.16
C GLY A 54 -10.42 -14.42 6.82
N LYS A 55 -11.52 -14.41 6.07
CA LYS A 55 -12.80 -14.03 6.64
C LYS A 55 -13.25 -15.03 7.70
N TYR A 56 -12.94 -16.31 7.51
CA TYR A 56 -13.28 -17.36 8.47
C TYR A 56 -12.17 -17.62 9.46
N ASN A 57 -11.22 -16.70 9.61
CA ASN A 57 -10.17 -16.79 10.61
C ASN A 57 -9.42 -18.12 10.49
N ILE A 58 -9.04 -18.46 9.26
CA ILE A 58 -8.35 -19.71 8.97
C ILE A 58 -6.90 -19.49 8.52
N LEU A 59 -6.51 -18.25 8.23
CA LEU A 59 -5.13 -17.98 7.87
C LEU A 59 -4.22 -18.18 9.08
N PRO A 60 -2.92 -18.38 8.85
CA PRO A 60 -1.99 -18.53 9.98
C PRO A 60 -1.80 -17.23 10.75
N TYR A 61 -1.29 -17.38 11.97
CA TYR A 61 -0.93 -16.25 12.81
C TYR A 61 0.59 -16.19 12.96
N ASP A 62 1.13 -14.98 12.89
CA ASP A 62 2.55 -14.76 13.19
C ASP A 62 2.69 -14.62 14.70
N THR A 63 2.99 -15.73 15.36
CA THR A 63 3.08 -15.78 16.81
C THR A 63 4.37 -15.15 17.35
N SER A 64 5.33 -14.83 16.48
CA SER A 64 6.61 -14.33 16.95
C SER A 64 6.45 -12.93 17.56
N ASN A 65 7.58 -12.38 18.00
CA ASN A 65 7.65 -11.03 18.55
C ASN A 65 8.56 -10.18 17.69
N ASP A 66 8.13 -8.95 17.40
CA ASP A 66 8.84 -8.09 16.49
C ASP A 66 10.06 -7.45 17.16
N SER A 67 11.15 -7.38 16.43
CA SER A 67 12.37 -6.78 16.94
C SER A 67 12.17 -5.29 17.20
N ILE A 68 12.44 -4.86 18.43
CA ILE A 68 12.39 -3.44 18.75
C ILE A 68 13.36 -2.63 17.88
N TYR A 69 14.37 -3.28 17.32
CA TYR A 69 15.32 -2.64 16.44
C TYR A 69 14.84 -2.59 15.00
N ALA A 70 13.69 -3.19 14.69
CA ALA A 70 13.11 -3.18 13.35
C ALA A 70 11.90 -2.25 13.23
N CYS A 71 11.42 -1.69 14.34
CA CYS A 71 10.33 -0.73 14.26
C CYS A 71 10.77 0.49 13.45
N THR A 72 9.79 1.29 13.03
CA THR A 72 10.04 2.48 12.25
C THR A 72 8.90 3.45 12.47
N ASN A 73 8.93 4.57 11.75
CA ASN A 73 7.91 5.59 11.94
C ASN A 73 7.93 6.56 10.76
N ILE A 74 6.79 7.20 10.56
CA ILE A 74 6.64 8.32 9.63
C ILE A 74 5.98 9.44 10.43
N LYS A 75 6.74 10.50 10.70
CA LYS A 75 6.30 11.55 11.62
C LYS A 75 6.02 10.86 12.94
N HIS A 76 4.86 11.07 13.56
CA HIS A 76 4.50 10.42 14.81
C HIS A 76 3.68 9.15 14.61
N LEU A 77 3.59 8.65 13.39
CA LEU A 77 2.93 7.38 13.10
C LEU A 77 3.96 6.27 13.26
N ASP A 78 3.76 5.41 14.25
CA ASP A 78 4.76 4.41 14.64
C ASP A 78 4.34 3.04 14.13
N PHE A 79 5.22 2.41 13.35
CA PHE A 79 5.00 1.06 12.84
C PHE A 79 5.82 0.07 13.67
N ILE A 80 5.17 -0.98 14.16
CA ILE A 80 5.86 -1.97 14.97
C ILE A 80 6.85 -2.78 14.13
N ASN A 81 6.66 -2.82 12.82
CA ASN A 81 7.65 -3.38 11.90
C ASN A 81 7.46 -2.72 10.55
N PRO A 82 8.42 -2.84 9.65
CA PRO A 82 8.42 -1.98 8.46
C PRO A 82 7.63 -2.52 7.28
N PHE A 83 6.75 -3.49 7.50
CA PHE A 83 6.09 -4.19 6.41
C PHE A 83 4.57 -4.11 6.54
N GLY A 84 3.92 -3.65 5.48
CA GLY A 84 2.48 -3.66 5.40
C GLY A 84 2.02 -4.22 4.06
N VAL A 85 0.70 -4.30 3.91
CA VAL A 85 0.07 -4.76 2.68
C VAL A 85 -0.36 -3.54 1.88
N ALA A 86 0.01 -3.52 0.60
CA ALA A 86 -0.27 -2.38 -0.25
C ALA A 86 -1.76 -2.32 -0.58
N ALA A 87 -2.18 -1.17 -1.11
CA ALA A 87 -3.56 -1.00 -1.52
C ALA A 87 -3.88 -1.94 -2.68
N GLY A 88 -5.16 -2.30 -2.79
CA GLY A 88 -5.64 -3.17 -3.84
C GLY A 88 -5.79 -4.62 -3.42
N PHE A 89 -5.28 -5.01 -2.26
CA PHE A 89 -5.35 -6.40 -1.81
C PHE A 89 -6.63 -6.67 -1.03
N ASP A 90 -6.90 -5.88 0.00
CA ASP A 90 -8.19 -5.89 0.69
C ASP A 90 -8.88 -4.58 0.36
N LYS A 91 -9.43 -4.51 -0.86
CA LYS A 91 -10.02 -3.27 -1.36
C LYS A 91 -11.14 -2.78 -0.45
N ASN A 92 -11.83 -3.68 0.22
CA ASN A 92 -13.04 -3.32 0.96
C ASN A 92 -12.94 -3.52 2.47
N GLY A 93 -11.78 -3.91 2.99
CA GLY A 93 -11.64 -4.09 4.42
C GLY A 93 -12.47 -5.21 4.98
N VAL A 94 -12.57 -6.33 4.25
CA VAL A 94 -13.35 -7.48 4.70
C VAL A 94 -12.52 -8.48 5.50
N CYS A 95 -11.23 -8.21 5.72
CA CYS A 95 -10.30 -9.23 6.17
C CYS A 95 -9.11 -8.62 6.91
N ILE A 96 -9.31 -7.44 7.52
CA ILE A 96 -8.18 -6.69 8.05
C ILE A 96 -7.47 -7.46 9.16
N ASP A 97 -8.25 -8.02 10.10
CA ASP A 97 -7.65 -8.71 11.24
C ASP A 97 -6.72 -9.82 10.79
N SER A 98 -7.21 -10.69 9.91
CA SER A 98 -6.45 -11.89 9.54
C SER A 98 -5.21 -11.54 8.74
N ILE A 99 -5.31 -10.54 7.85
CA ILE A 99 -4.13 -10.16 7.07
C ILE A 99 -3.07 -9.54 7.97
N LEU A 100 -3.48 -8.66 8.88
CA LEU A 100 -2.53 -8.09 9.83
C LEU A 100 -1.87 -9.17 10.66
N LYS A 101 -2.65 -10.15 11.11
CA LYS A 101 -2.12 -11.20 11.97
C LYS A 101 -1.25 -12.20 11.23
N LEU A 102 -1.11 -12.07 9.91
CA LEU A 102 -0.08 -12.81 9.19
C LEU A 102 1.32 -12.33 9.54
N GLY A 103 1.44 -11.14 10.14
CA GLY A 103 2.73 -10.62 10.56
C GLY A 103 2.98 -9.18 10.15
N PHE A 104 2.02 -8.58 9.45
CA PHE A 104 2.18 -7.22 8.98
C PHE A 104 1.87 -6.22 10.08
N SER A 105 2.50 -5.05 9.99
CA SER A 105 2.27 -3.97 10.96
C SER A 105 1.18 -3.02 10.52
N PHE A 106 0.86 -2.97 9.23
CA PHE A 106 -0.18 -2.07 8.76
C PHE A 106 -0.72 -2.58 7.43
N ILE A 107 -1.90 -2.07 7.06
CA ILE A 107 -2.53 -2.39 5.79
C ILE A 107 -3.15 -1.12 5.24
N GLU A 108 -3.13 -0.99 3.93
CA GLU A 108 -3.74 0.12 3.22
C GLU A 108 -4.94 -0.45 2.47
N ILE A 109 -6.15 -0.21 3.00
CA ILE A 109 -7.36 -0.69 2.34
C ILE A 109 -7.71 0.27 1.22
N GLY A 110 -8.66 -0.10 0.37
CA GLY A 110 -8.91 0.63 -0.85
C GLY A 110 -8.12 0.05 -2.00
N THR A 111 -8.07 0.79 -3.11
CA THR A 111 -8.65 2.13 -3.25
C THR A 111 -10.17 2.09 -3.27
N ILE A 112 -10.80 3.00 -2.53
CA ILE A 112 -12.24 3.10 -2.48
C ILE A 112 -12.68 4.32 -3.28
N THR A 113 -13.95 4.30 -3.70
CA THR A 113 -14.59 5.39 -4.41
C THR A 113 -15.93 5.68 -3.76
N PRO A 114 -16.45 6.91 -3.90
CA PRO A 114 -17.72 7.24 -3.24
C PRO A 114 -18.81 6.19 -3.42
N ARG A 115 -19.05 5.73 -4.63
CA ARG A 115 -20.00 4.66 -4.89
C ARG A 115 -19.26 3.44 -5.43
N GLY A 116 -19.88 2.28 -5.25
CA GLY A 116 -19.25 1.04 -5.66
C GLY A 116 -19.14 0.92 -7.17
N GLN A 117 -18.11 0.23 -7.62
CA GLN A 117 -17.88 -0.05 -9.03
C GLN A 117 -17.53 -1.52 -9.19
N THR A 118 -17.98 -2.10 -10.30
CA THR A 118 -17.65 -3.50 -10.59
C THR A 118 -16.26 -3.64 -11.20
N GLY A 119 -15.77 -2.59 -11.86
CA GLY A 119 -14.48 -2.66 -12.53
C GLY A 119 -14.62 -3.11 -13.97
N ASN A 120 -13.46 -3.40 -14.56
CA ASN A 120 -13.41 -3.87 -15.94
C ASN A 120 -13.78 -5.35 -16.02
N ALA A 121 -13.95 -5.83 -17.25
CA ALA A 121 -14.36 -7.22 -17.45
C ALA A 121 -13.23 -8.17 -17.06
N LYS A 122 -13.64 -9.34 -16.52
CA LYS A 122 -12.71 -10.38 -16.11
C LYS A 122 -12.45 -11.36 -17.26
N PRO A 123 -11.27 -11.97 -17.33
CA PRO A 123 -10.12 -11.79 -16.41
C PRO A 123 -9.39 -10.48 -16.65
N ARG A 124 -8.95 -9.83 -15.56
CA ARG A 124 -8.24 -8.56 -15.63
C ARG A 124 -6.95 -8.60 -14.83
N ILE A 125 -6.51 -9.77 -14.39
CA ILE A 125 -5.27 -9.95 -13.66
C ILE A 125 -4.55 -11.16 -14.26
N PHE A 126 -3.28 -10.98 -14.61
CA PHE A 126 -2.51 -12.04 -15.25
C PHE A 126 -1.13 -12.11 -14.59
N ARG A 127 -0.70 -13.32 -14.27
CA ARG A 127 0.56 -13.56 -13.60
C ARG A 127 1.57 -14.17 -14.55
N ASP A 128 2.84 -13.91 -14.28
CA ASP A 128 3.96 -14.55 -14.97
C ASP A 128 4.88 -15.08 -13.87
N VAL A 129 4.81 -16.40 -13.62
CA VAL A 129 5.58 -16.98 -12.52
C VAL A 129 7.07 -16.88 -12.80
N GLU A 130 7.47 -17.06 -14.06
CA GLU A 130 8.89 -17.04 -14.41
C GLU A 130 9.55 -15.73 -13.98
N SER A 131 8.89 -14.61 -14.25
CA SER A 131 9.40 -13.30 -13.88
C SER A 131 8.84 -12.79 -12.55
N ARG A 132 8.01 -13.58 -11.88
CA ARG A 132 7.39 -13.17 -10.62
C ARG A 132 6.75 -11.79 -10.76
N SER A 133 6.04 -11.58 -11.86
CA SER A 133 5.41 -10.30 -12.16
C SER A 133 3.93 -10.50 -12.41
N ILE A 134 3.19 -9.39 -12.33
CA ILE A 134 1.75 -9.38 -12.53
C ILE A 134 1.41 -8.18 -13.39
N ILE A 135 0.34 -8.31 -14.18
CA ILE A 135 -0.24 -7.19 -14.91
C ILE A 135 -1.74 -7.20 -14.66
N ASN A 136 -2.31 -6.02 -14.39
CA ASN A 136 -3.70 -5.93 -14.00
C ASN A 136 -4.35 -4.71 -14.64
N SER A 137 -5.65 -4.84 -14.88
CA SER A 137 -6.50 -3.72 -15.32
C SER A 137 -7.84 -3.83 -14.58
N CYS A 138 -7.76 -3.82 -13.24
CA CYS A 138 -8.97 -4.03 -12.44
C CYS A 138 -10.00 -2.92 -12.67
N GLY A 139 -9.56 -1.67 -12.63
CA GLY A 139 -10.46 -0.55 -12.83
C GLY A 139 -11.16 -0.06 -11.59
N PHE A 140 -10.49 -0.10 -10.43
CA PHE A 140 -11.04 0.43 -9.18
C PHE A 140 -12.34 -0.28 -8.81
N ASN A 141 -12.32 -1.61 -8.88
CA ASN A 141 -13.44 -2.38 -8.36
C ASN A 141 -13.44 -2.33 -6.85
N ASN A 142 -14.54 -1.86 -6.26
CA ASN A 142 -14.69 -1.79 -4.82
C ASN A 142 -16.17 -1.63 -4.49
N MET A 143 -16.49 -1.82 -3.22
CA MET A 143 -17.89 -1.82 -2.77
C MET A 143 -18.42 -0.44 -2.41
N GLY A 144 -17.59 0.59 -2.48
CA GLY A 144 -18.04 1.94 -2.21
C GLY A 144 -17.69 2.39 -0.80
N CYS A 145 -17.64 3.71 -0.63
CA CYS A 145 -17.15 4.28 0.62
C CYS A 145 -18.04 3.90 1.80
N ASP A 146 -19.36 3.85 1.60
CA ASP A 146 -20.26 3.62 2.72
C ASP A 146 -20.05 2.24 3.32
N LYS A 147 -20.11 1.20 2.49
CA LYS A 147 -19.95 -0.17 2.99
C LYS A 147 -18.56 -0.39 3.58
N VAL A 148 -17.54 0.20 2.97
CA VAL A 148 -16.18 0.01 3.48
C VAL A 148 -16.00 0.75 4.80
N THR A 149 -16.64 1.93 4.92
CA THR A 149 -16.63 2.62 6.21
C THR A 149 -17.27 1.76 7.30
N GLU A 150 -18.36 1.08 6.96
CA GLU A 150 -18.98 0.15 7.91
C GLU A 150 -18.00 -0.93 8.32
N ASN A 151 -17.34 -1.56 7.35
CA ASN A 151 -16.40 -2.64 7.66
C ASN A 151 -15.29 -2.14 8.56
N LEU A 152 -14.79 -0.92 8.33
CA LEU A 152 -13.68 -0.41 9.11
C LEU A 152 -14.12 -0.07 10.53
N ILE A 153 -15.35 0.44 10.70
CA ILE A 153 -15.85 0.72 12.03
C ILE A 153 -15.94 -0.56 12.85
N LEU A 154 -16.40 -1.65 12.22
CA LEU A 154 -16.43 -2.93 12.92
C LEU A 154 -15.03 -3.37 13.31
N PHE A 155 -14.06 -3.23 12.40
CA PHE A 155 -12.69 -3.59 12.75
C PHE A 155 -12.20 -2.78 13.94
N ARG A 156 -12.45 -1.47 13.95
CA ARG A 156 -11.97 -0.63 15.04
C ARG A 156 -12.60 -1.05 16.37
N LYS A 157 -13.87 -1.47 16.34
CA LYS A 157 -14.50 -1.98 17.56
C LYS A 157 -13.79 -3.25 18.04
N ARG A 158 -13.53 -4.18 17.12
CA ARG A 158 -12.79 -5.38 17.48
C ARG A 158 -11.40 -5.02 17.99
N GLN A 159 -10.76 -4.01 17.39
CA GLN A 159 -9.41 -3.63 17.79
C GLN A 159 -9.37 -3.08 19.21
N GLU A 160 -10.50 -2.59 19.73
CA GLU A 160 -10.54 -2.13 21.12
C GLU A 160 -10.24 -3.26 22.09
N GLU A 161 -10.43 -4.51 21.67
CA GLU A 161 -10.21 -5.68 22.52
C GLU A 161 -9.06 -6.56 22.08
N ASP A 162 -8.76 -6.61 20.78
CA ASP A 162 -7.78 -7.56 20.26
C ASP A 162 -6.37 -7.07 20.56
N LYS A 163 -5.64 -7.83 21.39
CA LYS A 163 -4.29 -7.45 21.78
C LYS A 163 -3.28 -7.73 20.67
N LEU A 164 -3.57 -8.68 19.79
CA LEU A 164 -2.71 -8.93 18.64
C LEU A 164 -2.79 -7.80 17.63
N LEU A 165 -3.87 -7.01 17.65
CA LEU A 165 -4.05 -5.90 16.73
C LEU A 165 -3.70 -4.54 17.34
N SER A 166 -3.25 -4.52 18.59
CA SER A 166 -2.89 -3.25 19.21
C SER A 166 -1.69 -2.64 18.49
N LYS A 167 -1.73 -1.32 18.31
CA LYS A 167 -0.70 -0.52 17.65
C LYS A 167 -0.60 -0.78 16.16
N HIS A 168 -1.45 -1.64 15.60
CA HIS A 168 -1.44 -1.88 14.16
C HIS A 168 -2.14 -0.73 13.44
N ILE A 169 -1.57 -0.33 12.31
CA ILE A 169 -2.02 0.84 11.57
C ILE A 169 -2.90 0.41 10.40
N VAL A 170 -3.93 1.20 10.12
CA VAL A 170 -4.78 1.01 8.96
C VAL A 170 -4.84 2.32 8.20
N GLY A 171 -4.43 2.29 6.93
CA GLY A 171 -4.59 3.44 6.06
C GLY A 171 -5.69 3.21 5.04
N VAL A 172 -6.21 4.29 4.46
CA VAL A 172 -7.28 4.21 3.48
C VAL A 172 -6.83 4.94 2.22
N SER A 173 -6.80 4.21 1.11
CA SER A 173 -6.55 4.80 -0.20
C SER A 173 -7.90 5.20 -0.82
N ILE A 174 -7.98 6.44 -1.29
CA ILE A 174 -9.22 7.00 -1.82
C ILE A 174 -9.00 7.44 -3.25
N GLY A 175 -10.03 7.28 -4.08
CA GLY A 175 -9.96 7.65 -5.47
C GLY A 175 -11.27 8.19 -6.00
N LYS A 176 -11.37 8.34 -7.32
CA LYS A 176 -12.55 8.88 -7.98
C LYS A 176 -13.29 7.76 -8.71
N ASN A 177 -14.60 7.92 -8.82
CA ASN A 177 -15.38 7.06 -9.70
C ASN A 177 -15.00 7.33 -11.16
N LYS A 178 -15.13 6.32 -12.01
CA LYS A 178 -14.71 6.44 -13.39
C LYS A 178 -15.33 7.66 -14.05
N ASP A 179 -16.66 7.76 -14.01
CA ASP A 179 -17.39 8.82 -14.70
C ASP A 179 -17.51 10.08 -13.84
N THR A 180 -16.40 10.47 -13.22
CA THR A 180 -16.32 11.70 -12.42
C THR A 180 -15.30 12.65 -13.03
N VAL A 181 -15.65 13.92 -13.12
CA VAL A 181 -14.72 14.93 -13.61
C VAL A 181 -14.00 15.60 -12.44
N ASN A 182 -14.73 15.97 -11.39
CA ASN A 182 -14.15 16.66 -10.24
C ASN A 182 -13.68 15.61 -9.24
N ILE A 183 -12.39 15.27 -9.30
CA ILE A 183 -11.82 14.31 -8.37
C ILE A 183 -11.93 14.83 -6.94
N VAL A 184 -11.80 16.14 -6.76
CA VAL A 184 -11.84 16.73 -5.42
C VAL A 184 -13.16 16.43 -4.72
N ASP A 185 -14.25 16.34 -5.48
CA ASP A 185 -15.54 16.00 -4.88
C ASP A 185 -15.52 14.59 -4.31
N ASP A 186 -15.12 13.61 -5.13
CA ASP A 186 -15.08 12.22 -4.67
C ASP A 186 -14.18 12.07 -3.45
N LEU A 187 -13.01 12.72 -3.45
CA LEU A 187 -12.09 12.59 -2.34
C LEU A 187 -12.62 13.27 -1.08
N LYS A 188 -13.41 14.33 -1.24
CA LYS A 188 -13.97 15.03 -0.08
C LYS A 188 -15.12 14.23 0.53
N TYR A 189 -15.92 13.56 -0.31
CA TYR A 189 -16.95 12.66 0.22
C TYR A 189 -16.32 11.54 1.02
N CYS A 190 -15.28 10.90 0.48
CA CYS A 190 -14.63 9.80 1.18
C CYS A 190 -14.05 10.27 2.51
N ILE A 191 -13.37 11.42 2.50
CA ILE A 191 -12.76 11.93 3.72
C ILE A 191 -13.81 12.16 4.79
N ASN A 192 -14.90 12.86 4.44
CA ASN A 192 -15.95 13.14 5.41
C ASN A 192 -16.64 11.87 5.90
N LYS A 193 -16.50 10.77 5.17
CA LYS A 193 -17.15 9.51 5.53
C LYS A 193 -16.25 8.60 6.36
N ILE A 194 -14.96 8.52 6.04
CA ILE A 194 -14.11 7.48 6.58
C ILE A 194 -12.85 8.06 7.22
N GLY A 195 -12.63 9.37 7.05
CA GLY A 195 -11.42 9.98 7.58
C GLY A 195 -11.25 9.75 9.08
N ARG A 196 -12.34 9.88 9.84
CA ARG A 196 -12.27 9.68 11.28
C ARG A 196 -11.64 8.35 11.65
N TYR A 197 -11.79 7.34 10.81
CA TYR A 197 -11.47 5.97 11.15
C TYR A 197 -10.13 5.50 10.60
N ALA A 198 -9.36 6.40 9.99
CA ALA A 198 -8.13 6.04 9.31
C ALA A 198 -6.93 6.67 10.02
N ASP A 199 -5.84 5.91 10.08
CA ASP A 199 -4.59 6.45 10.61
C ASP A 199 -3.87 7.31 9.58
N TYR A 200 -4.03 7.01 8.30
CA TYR A 200 -3.55 7.88 7.25
C TYR A 200 -4.42 7.72 6.02
N ILE A 201 -4.37 8.72 5.14
CA ILE A 201 -5.14 8.76 3.91
C ILE A 201 -4.16 8.82 2.75
N ALA A 202 -4.31 7.90 1.80
CA ALA A 202 -3.46 7.83 0.61
C ALA A 202 -4.26 8.32 -0.59
N ILE A 203 -3.78 9.40 -1.21
CA ILE A 203 -4.39 9.95 -2.41
C ILE A 203 -3.84 9.21 -3.61
N ASN A 204 -4.73 8.58 -4.38
CA ASN A 204 -4.32 7.73 -5.51
C ASN A 204 -4.68 8.46 -6.80
N VAL A 205 -3.65 9.04 -7.43
CA VAL A 205 -3.81 9.69 -8.73
C VAL A 205 -2.82 9.06 -9.71
N SER A 206 -2.54 7.78 -9.50
CA SER A 206 -1.53 7.07 -10.28
C SER A 206 -2.04 5.76 -10.89
N SER A 207 -3.31 5.43 -10.71
CA SER A 207 -3.84 4.20 -11.31
C SER A 207 -3.90 4.34 -12.82
N PRO A 208 -3.43 3.36 -13.58
CA PRO A 208 -3.42 3.46 -15.05
C PRO A 208 -4.68 2.93 -15.74
N ASN A 209 -5.74 2.60 -15.01
CA ASN A 209 -6.88 1.91 -15.57
C ASN A 209 -8.19 2.66 -15.32
N THR A 210 -8.12 3.97 -15.19
CA THR A 210 -9.32 4.78 -15.02
C THR A 210 -9.21 6.09 -15.79
N GLY A 212 -8.89 8.95 -16.79
CA GLY A 212 -8.29 10.25 -16.57
C GLY A 212 -7.84 10.46 -15.13
N LEU A 213 -6.80 9.73 -14.72
CA LEU A 213 -6.25 9.83 -13.38
C LEU A 213 -4.82 10.36 -13.38
N ARG A 214 -3.94 9.77 -14.18
CA ARG A 214 -2.58 10.28 -14.28
C ARG A 214 -2.54 11.71 -14.83
N ASP A 215 -3.66 12.21 -15.36
CA ASP A 215 -3.75 13.61 -15.73
C ASP A 215 -3.77 14.50 -14.48
N ASN A 216 -4.31 14.01 -13.37
CA ASN A 216 -4.35 14.75 -12.13
C ASN A 216 -2.98 14.84 -11.46
N GLN A 217 -1.97 14.14 -11.97
CA GLN A 217 -0.61 14.30 -11.49
C GLN A 217 0.04 15.58 -12.01
N GLU A 218 -0.66 16.38 -12.80
CA GLU A 218 -0.13 17.67 -13.23
C GLU A 218 0.04 18.56 -12.01
N ALA A 219 1.18 19.27 -11.96
CA ALA A 219 1.57 19.98 -10.75
C ALA A 219 0.44 20.81 -10.17
N GLY A 220 -0.15 21.69 -11.00
CA GLY A 220 -1.20 22.56 -10.49
C GLY A 220 -2.41 21.79 -9.99
N LYS A 221 -2.91 20.87 -10.81
CA LYS A 221 -4.02 20.03 -10.40
C LYS A 221 -3.70 19.29 -9.10
N LEU A 222 -2.52 18.68 -9.03
CA LEU A 222 -2.16 17.91 -7.85
C LEU A 222 -2.10 18.79 -6.60
N LYS A 223 -1.52 19.98 -6.73
CA LYS A 223 -1.42 20.87 -5.57
C LYS A 223 -2.80 21.25 -5.06
N ASN A 224 -3.75 21.50 -5.96
CA ASN A 224 -5.12 21.79 -5.54
C ASN A 224 -5.75 20.58 -4.87
N ILE A 225 -5.55 19.39 -5.45
CA ILE A 225 -6.14 18.17 -4.88
C ILE A 225 -5.61 17.94 -3.46
N ILE A 226 -4.30 18.06 -3.28
CA ILE A 226 -3.70 17.80 -1.98
C ILE A 226 -4.23 18.80 -0.95
N LEU A 227 -4.12 20.09 -1.25
CA LEU A 227 -4.54 21.10 -0.29
C LEU A 227 -6.03 20.98 0.03
N SER A 228 -6.83 20.51 -0.92
CA SER A 228 -8.26 20.30 -0.65
C SER A 228 -8.46 19.14 0.32
N VAL A 229 -7.77 18.02 0.07
CA VAL A 229 -7.87 16.87 0.96
C VAL A 229 -7.44 17.25 2.37
N LYS A 230 -6.35 18.00 2.49
CA LYS A 230 -5.83 18.37 3.81
C LYS A 230 -6.71 19.40 4.51
N GLU A 231 -7.53 20.14 3.77
CA GLU A 231 -8.48 21.06 4.38
C GLU A 231 -9.72 20.33 4.87
N GLU A 232 -10.16 19.30 4.15
CA GLU A 232 -11.35 18.56 4.55
C GLU A 232 -11.10 17.73 5.81
N ILE A 233 -9.87 17.23 5.97
CA ILE A 233 -9.49 16.53 7.20
C ILE A 233 -9.44 17.51 8.37
N ASP A 234 -8.81 18.68 8.16
CA ASP A 234 -8.76 19.69 9.21
C ASP A 234 -10.15 20.16 9.58
N ASN A 235 -11.05 20.26 8.60
CA ASN A 235 -12.43 20.68 8.89
C ASN A 235 -13.16 19.66 9.74
N LEU A 236 -12.84 18.38 9.59
CA LEU A 236 -13.44 17.36 10.45
C LEU A 236 -13.23 17.70 11.92
N GLU A 237 -12.06 18.25 12.24
CA GLU A 237 -11.72 18.54 13.64
C GLU A 237 -12.33 19.84 14.12
N LYS A 238 -12.47 20.84 13.24
CA LYS A 238 -13.01 22.12 13.65
C LYS A 238 -14.45 22.00 14.15
N ASN A 239 -15.19 21.00 13.66
CA ASN A 239 -16.60 20.83 14.02
C ASN A 239 -16.68 19.96 15.27
N ASN A 240 -16.52 20.61 16.42
CA ASN A 240 -16.64 19.93 17.71
C ASN A 240 -18.01 20.20 18.32
N PHE A 246 -12.14 12.21 21.43
CA PHE A 246 -13.37 11.50 21.06
C PHE A 246 -13.48 11.34 19.55
N LEU A 247 -12.92 12.30 18.82
CA LEU A 247 -13.17 12.40 17.39
C LEU A 247 -12.44 11.31 16.61
N TRP A 248 -11.17 11.12 16.89
CA TRP A 248 -10.34 10.23 16.06
C TRP A 248 -10.52 8.79 16.53
N PHE A 249 -11.18 8.00 15.68
CA PHE A 249 -11.57 6.63 16.00
C PHE A 249 -10.64 5.66 15.27
N ASN A 250 -9.37 5.76 15.60
CA ASN A 250 -8.31 5.06 14.88
C ASN A 250 -7.28 4.57 15.90
N THR A 251 -6.08 4.24 15.40
CA THR A 251 -5.04 3.76 16.30
C THR A 251 -4.29 4.92 16.95
N THR A 252 -4.07 6.01 16.22
CA THR A 252 -3.24 7.10 16.71
C THR A 252 -3.99 8.09 17.60
N LYS A 253 -5.32 8.11 17.52
CA LYS A 253 -6.14 9.10 18.20
C LYS A 253 -5.83 10.52 17.73
N LYS A 254 -5.23 10.64 16.55
CA LYS A 254 -4.92 11.92 15.94
C LYS A 254 -5.46 11.93 14.51
N LYS A 255 -5.50 13.12 13.92
CA LYS A 255 -6.01 13.23 12.56
C LYS A 255 -5.12 12.41 11.62
N PRO A 256 -5.71 11.80 10.59
CA PRO A 256 -4.90 10.99 9.67
C PRO A 256 -3.89 11.83 8.90
N LEU A 257 -2.73 11.24 8.67
CA LEU A 257 -1.73 11.86 7.79
C LEU A 257 -2.17 11.72 6.35
N VAL A 258 -1.55 12.50 5.47
CA VAL A 258 -1.88 12.53 4.05
C VAL A 258 -0.68 12.05 3.25
N PHE A 259 -0.84 10.92 2.58
CA PHE A 259 0.16 10.39 1.67
C PHE A 259 -0.31 10.57 0.23
N VAL A 260 0.65 10.51 -0.69
CA VAL A 260 0.39 10.56 -2.13
C VAL A 260 1.06 9.36 -2.77
N LYS A 261 0.31 8.64 -3.60
CA LYS A 261 0.84 7.49 -4.33
C LYS A 261 1.20 7.92 -5.74
N LEU A 262 2.46 7.71 -6.11
CA LEU A 262 3.01 8.21 -7.37
C LEU A 262 3.17 7.08 -8.37
N ALA A 263 2.88 7.38 -9.64
CA ALA A 263 3.17 6.47 -10.74
C ALA A 263 4.62 6.64 -11.19
N PRO A 264 5.30 5.56 -11.59
CA PRO A 264 6.70 5.68 -11.99
C PRO A 264 6.92 6.10 -13.44
N ASP A 265 5.85 6.30 -14.21
CA ASP A 265 5.98 6.61 -15.64
C ASP A 265 6.02 8.13 -15.80
N LEU A 266 7.19 8.70 -15.51
CA LEU A 266 7.38 10.14 -15.60
C LEU A 266 8.82 10.42 -16.00
N ASN A 267 9.03 11.60 -16.59
CA ASN A 267 10.37 12.06 -16.92
C ASN A 267 10.93 12.89 -15.77
N GLN A 268 12.23 13.19 -15.85
CA GLN A 268 12.87 13.90 -14.75
C GLN A 268 12.22 15.25 -14.49
N GLU A 269 11.79 15.94 -15.55
CA GLU A 269 11.13 17.22 -15.37
C GLU A 269 9.87 17.07 -14.52
N GLN A 270 9.01 16.11 -14.87
CA GLN A 270 7.79 15.90 -14.12
C GLN A 270 8.08 15.50 -12.68
N LYS A 271 9.12 14.70 -12.46
CA LYS A 271 9.45 14.29 -11.11
C LYS A 271 9.91 15.48 -10.27
N LYS A 272 10.67 16.40 -10.87
CA LYS A 272 11.08 17.59 -10.14
C LYS A 272 9.89 18.47 -9.79
N GLU A 273 8.98 18.67 -10.74
CA GLU A 273 7.81 19.51 -10.47
C GLU A 273 6.95 18.92 -9.38
N ILE A 274 6.70 17.61 -9.45
CA ILE A 274 5.87 16.95 -8.44
C ILE A 274 6.53 17.04 -7.07
N ALA A 275 7.85 16.83 -7.01
CA ALA A 275 8.55 16.95 -5.73
C ALA A 275 8.38 18.34 -5.14
N ASP A 276 8.44 19.37 -5.98
CA ASP A 276 8.20 20.73 -5.50
C ASP A 276 6.79 20.86 -4.95
N VAL A 277 5.79 20.29 -5.64
CA VAL A 277 4.42 20.39 -5.17
C VAL A 277 4.26 19.67 -3.83
N LEU A 278 4.85 18.48 -3.71
CA LEU A 278 4.74 17.73 -2.46
C LEU A 278 5.36 18.51 -1.30
N LEU A 279 6.49 19.17 -1.54
CA LEU A 279 7.11 19.98 -0.49
C LEU A 279 6.28 21.22 -0.18
N GLU A 280 5.65 21.81 -1.21
CA GLU A 280 4.88 23.03 -0.99
C GLU A 280 3.62 22.76 -0.18
N THR A 281 3.00 21.61 -0.37
CA THR A 281 1.78 21.26 0.34
C THR A 281 2.05 20.59 1.69
N ASN A 282 3.31 20.25 1.98
CA ASN A 282 3.68 19.64 3.25
C ASN A 282 2.91 18.34 3.50
N ILE A 283 2.81 17.51 2.46
CA ILE A 283 2.28 16.17 2.66
C ILE A 283 3.21 15.42 3.61
N ASP A 284 2.67 14.36 4.22
CA ASP A 284 3.39 13.62 5.25
C ASP A 284 4.20 12.46 4.71
N GLY A 285 3.93 12.00 3.49
CA GLY A 285 4.67 10.91 2.91
C GLY A 285 4.26 10.69 1.48
N MET A 286 5.16 10.07 0.72
CA MET A 286 4.91 9.70 -0.66
C MET A 286 5.15 8.20 -0.84
N ILE A 287 4.22 7.54 -1.48
CA ILE A 287 4.27 6.09 -1.71
C ILE A 287 4.86 5.87 -3.09
N ILE A 288 6.07 5.32 -3.14
CA ILE A 288 6.82 5.09 -4.37
C ILE A 288 7.01 3.59 -4.52
N SER A 289 6.26 2.95 -5.43
CA SER A 289 5.34 3.59 -6.37
C SER A 289 4.24 2.63 -6.79
N ASN A 290 3.39 3.09 -7.71
CA ASN A 290 2.33 2.27 -8.26
C ASN A 290 2.88 1.43 -9.41
N THR A 291 2.00 0.76 -10.15
CA THR A 291 2.43 -0.09 -11.24
C THR A 291 2.94 0.75 -12.42
N THR A 292 3.70 0.09 -13.30
CA THR A 292 4.32 0.74 -14.44
C THR A 292 3.80 0.17 -15.74
N THR A 293 3.73 1.02 -16.76
CA THR A 293 3.28 0.63 -18.09
C THR A 293 4.42 0.61 -19.10
N GLN A 294 5.67 0.69 -18.65
CA GLN A 294 6.82 0.84 -19.53
C GLN A 294 7.70 -0.40 -19.57
N ILE A 295 7.22 -1.54 -19.05
CA ILE A 295 7.96 -2.79 -19.08
C ILE A 295 7.48 -3.59 -20.28
N ASN A 296 8.43 -4.13 -21.06
CA ASN A 296 8.06 -4.90 -22.24
C ASN A 296 9.12 -5.95 -22.55
N ASP A 297 9.68 -6.59 -21.52
CA ASP A 297 10.51 -7.76 -21.69
C ASP A 297 9.86 -9.00 -21.10
N ILE A 298 8.54 -8.98 -20.93
CA ILE A 298 7.77 -10.12 -20.45
C ILE A 298 6.89 -10.56 -21.62
N LYS A 299 7.35 -11.55 -22.38
CA LYS A 299 6.60 -12.01 -23.54
C LYS A 299 5.17 -12.37 -23.19
N SER A 300 4.95 -12.91 -21.99
CA SER A 300 3.60 -13.34 -21.61
C SER A 300 2.62 -12.17 -21.57
N PHE A 301 3.10 -10.97 -21.26
CA PHE A 301 2.25 -9.79 -21.15
C PHE A 301 2.24 -8.95 -22.42
N GLU A 302 2.84 -9.43 -23.51
CA GLU A 302 2.91 -8.64 -24.72
C GLU A 302 1.54 -8.16 -25.18
N ASN A 303 0.53 -9.01 -25.04
CA ASN A 303 -0.80 -8.73 -25.57
C ASN A 303 -1.77 -8.22 -24.51
N LYS A 304 -1.29 -7.94 -23.30
CA LYS A 304 -2.14 -7.50 -22.20
C LYS A 304 -2.01 -6.00 -21.99
N LYS A 305 -3.02 -5.41 -21.38
CA LYS A 305 -3.01 -4.01 -20.99
C LYS A 305 -3.00 -3.89 -19.47
N GLY A 306 -2.60 -2.72 -18.99
CA GLY A 306 -2.62 -2.40 -17.59
C GLY A 306 -1.24 -2.14 -17.04
N GLY A 307 -1.17 -2.05 -15.72
CA GLY A 307 0.09 -1.79 -15.01
C GLY A 307 0.74 -3.06 -14.56
N VAL A 308 2.07 -3.08 -14.60
CA VAL A 308 2.86 -4.26 -14.24
C VAL A 308 3.42 -4.07 -12.84
N SER A 309 3.45 -5.16 -12.08
CA SER A 309 4.02 -5.16 -10.73
C SER A 309 4.90 -6.39 -10.57
N GLY A 310 5.61 -6.45 -9.46
CA GLY A 310 6.42 -7.59 -9.12
C GLY A 310 7.91 -7.31 -9.28
N ALA A 311 8.66 -8.41 -9.39
CA ALA A 311 10.12 -8.31 -9.43
C ALA A 311 10.61 -7.40 -10.56
N LYS A 312 9.87 -7.34 -11.66
CA LYS A 312 10.29 -6.52 -12.79
C LYS A 312 10.12 -5.04 -12.53
N LEU A 313 9.46 -4.65 -11.43
CA LEU A 313 9.25 -3.26 -11.08
C LEU A 313 10.22 -2.77 -10.01
N LYS A 314 10.99 -3.68 -9.39
CA LYS A 314 11.83 -3.29 -8.26
C LYS A 314 12.84 -2.22 -8.67
N ASP A 315 13.70 -2.53 -9.64
CA ASP A 315 14.76 -1.60 -10.01
C ASP A 315 14.20 -0.26 -10.44
N ILE A 316 13.13 -0.27 -11.24
CA ILE A 316 12.46 0.98 -11.61
C ILE A 316 12.00 1.70 -10.35
N SER A 317 11.32 0.98 -9.46
CA SER A 317 10.77 1.60 -8.26
C SER A 317 11.88 2.13 -7.35
N THR A 318 12.94 1.34 -7.16
CA THR A 318 14.02 1.75 -6.27
C THR A 318 14.69 3.02 -6.78
N LYS A 319 15.03 3.04 -8.08
CA LYS A 319 15.62 4.25 -8.66
C LYS A 319 14.71 5.45 -8.46
N PHE A 320 13.40 5.26 -8.66
CA PHE A 320 12.45 6.35 -8.47
C PHE A 320 12.51 6.89 -7.04
N ILE A 321 12.65 5.99 -6.06
CA ILE A 321 12.81 6.44 -4.68
C ILE A 321 14.03 7.34 -4.55
N CYS A 322 15.18 6.86 -5.04
CA CYS A 322 16.41 7.64 -4.96
C CYS A 322 16.21 9.04 -5.53
N GLU A 323 15.61 9.12 -6.73
CA GLU A 323 15.39 10.43 -7.36
C GLU A 323 14.54 11.33 -6.47
N MET A 324 13.36 10.85 -6.07
CA MET A 324 12.50 11.67 -5.21
C MET A 324 13.15 11.95 -3.86
N TYR A 325 13.93 11.00 -3.35
CA TYR A 325 14.65 11.25 -2.09
C TYR A 325 15.64 12.40 -2.25
N ASN A 326 16.29 12.47 -3.41
CA ASN A 326 17.20 13.57 -3.69
C ASN A 326 16.46 14.84 -4.06
N TYR A 327 15.32 14.72 -4.74
CA TYR A 327 14.61 15.90 -5.22
C TYR A 327 13.90 16.63 -4.08
N THR A 328 13.34 15.90 -3.12
CA THR A 328 12.66 16.52 -1.98
C THR A 328 13.62 16.84 -0.83
N ASN A 329 14.92 16.76 -1.07
CA ASN A 329 15.92 17.10 -0.07
C ASN A 329 15.75 16.27 1.20
N LYS A 330 15.27 15.03 1.05
CA LYS A 330 15.12 14.11 2.17
C LYS A 330 14.14 14.63 3.22
N GLN A 331 13.20 15.48 2.81
CA GLN A 331 12.25 16.07 3.73
C GLN A 331 10.92 15.35 3.77
N ILE A 332 10.66 14.42 2.86
CA ILE A 332 9.39 13.71 2.80
C ILE A 332 9.62 12.22 3.01
N PRO A 333 9.12 11.63 4.11
CA PRO A 333 9.27 10.19 4.28
C PRO A 333 8.66 9.43 3.11
N ILE A 334 9.18 8.24 2.84
CA ILE A 334 8.84 7.46 1.67
C ILE A 334 8.34 6.09 2.09
N ILE A 335 7.22 5.67 1.51
CA ILE A 335 6.68 4.32 1.67
C ILE A 335 7.02 3.56 0.40
N ALA A 336 7.87 2.54 0.51
CA ALA A 336 8.33 1.80 -0.65
C ALA A 336 7.29 0.78 -1.11
N SER A 337 7.13 0.68 -2.42
CA SER A 337 6.21 -0.30 -3.02
C SER A 337 6.74 -0.65 -4.40
N GLY A 338 6.96 -1.94 -4.63
CA GLY A 338 7.39 -2.40 -5.94
C GLY A 338 8.45 -3.48 -5.91
N GLY A 339 8.03 -4.73 -6.12
CA GLY A 339 8.96 -5.82 -6.25
C GLY A 339 9.72 -6.19 -5.00
N ILE A 340 9.10 -6.01 -3.83
CA ILE A 340 9.74 -6.37 -2.56
C ILE A 340 9.33 -7.79 -2.22
N PHE A 341 10.27 -8.72 -2.32
CA PHE A 341 10.03 -10.13 -1.98
C PHE A 341 10.90 -10.63 -0.84
N SER A 342 12.07 -10.06 -0.63
CA SER A 342 13.01 -10.54 0.37
C SER A 342 13.53 -9.39 1.22
N GLY A 343 14.21 -9.73 2.31
CA GLY A 343 14.79 -8.72 3.16
C GLY A 343 15.86 -7.90 2.47
N LEU A 344 16.50 -8.46 1.44
CA LEU A 344 17.48 -7.70 0.68
C LEU A 344 16.81 -6.60 -0.11
N ASP A 345 15.72 -6.92 -0.81
CA ASP A 345 14.95 -5.88 -1.50
C ASP A 345 14.49 -4.81 -0.52
N ALA A 346 13.98 -5.23 0.64
CA ALA A 346 13.52 -4.27 1.64
C ALA A 346 14.65 -3.34 2.06
N LEU A 347 15.86 -3.89 2.30
CA LEU A 347 16.98 -3.05 2.68
C LEU A 347 17.38 -2.12 1.54
N GLU A 348 17.31 -2.60 0.30
CA GLU A 348 17.51 -1.71 -0.84
C GLU A 348 16.58 -0.51 -0.77
N LYS A 349 15.29 -0.76 -0.54
CA LYS A 349 14.34 0.33 -0.44
C LYS A 349 14.70 1.27 0.72
N ILE A 350 15.02 0.70 1.87
CA ILE A 350 15.36 1.52 3.03
C ILE A 350 16.61 2.33 2.76
N GLU A 351 17.66 1.68 2.27
CA GLU A 351 18.91 2.37 1.96
C GLU A 351 18.78 3.31 0.77
N ALA A 352 17.64 3.30 0.08
CA ALA A 352 17.39 4.29 -0.96
C ALA A 352 16.67 5.52 -0.43
N GLY A 353 16.06 5.43 0.76
CA GLY A 353 15.39 6.56 1.36
C GLY A 353 14.02 6.24 1.93
N ALA A 354 13.65 4.96 1.94
CA ALA A 354 12.34 4.54 2.41
C ALA A 354 12.37 4.22 3.90
N SER A 355 11.28 4.55 4.59
CA SER A 355 11.15 4.27 6.01
C SER A 355 10.27 3.05 6.30
N VAL A 356 9.43 2.65 5.35
CA VAL A 356 8.53 1.51 5.54
C VAL A 356 8.28 0.89 4.18
N CYS A 357 7.95 -0.40 4.18
CA CYS A 357 7.77 -1.16 2.95
C CYS A 357 6.37 -1.73 2.87
N GLN A 358 5.88 -1.86 1.63
CA GLN A 358 4.58 -2.46 1.35
C GLN A 358 4.76 -3.65 0.43
N LEU A 359 3.97 -4.70 0.66
CA LEU A 359 4.01 -5.91 -0.15
C LEU A 359 2.68 -6.11 -0.86
N TYR A 360 2.74 -6.71 -2.05
CA TYR A 360 1.55 -7.16 -2.75
C TYR A 360 1.90 -8.42 -3.55
N SER A 361 2.68 -8.25 -4.61
CA SER A 361 3.03 -9.41 -5.44
C SER A 361 3.72 -10.50 -4.63
N CYS A 362 4.43 -10.13 -3.57
CA CYS A 362 5.06 -11.13 -2.71
C CYS A 362 4.03 -12.11 -2.18
N LEU A 363 2.88 -11.60 -1.71
CA LEU A 363 1.82 -12.47 -1.23
C LEU A 363 1.28 -13.37 -2.34
N VAL A 364 1.25 -12.87 -3.58
CA VAL A 364 0.78 -13.68 -4.70
C VAL A 364 1.70 -14.88 -4.91
N PHE A 365 3.01 -14.63 -4.93
CA PHE A 365 3.98 -15.66 -5.32
C PHE A 365 4.64 -16.37 -4.16
N ASN A 366 4.40 -15.94 -2.91
CA ASN A 366 5.00 -16.58 -1.75
C ASN A 366 3.98 -17.03 -0.71
N GLY A 367 2.70 -16.72 -0.87
CA GLY A 367 1.71 -17.23 0.06
C GLY A 367 1.73 -16.50 1.40
N MET A 368 1.29 -17.21 2.43
CA MET A 368 1.07 -16.60 3.74
C MET A 368 2.37 -16.18 4.43
N LYS A 369 3.50 -16.79 4.06
CA LYS A 369 4.74 -16.60 4.79
C LYS A 369 5.46 -15.30 4.45
N SER A 370 4.86 -14.43 3.63
CA SER A 370 5.55 -13.24 3.17
C SER A 370 6.10 -12.42 4.33
N ALA A 371 5.24 -12.10 5.31
CA ALA A 371 5.65 -11.20 6.38
C ALA A 371 6.68 -11.87 7.29
N VAL A 372 6.40 -13.06 7.78
CA VAL A 372 7.33 -13.74 8.70
C VAL A 372 8.70 -13.88 8.06
N GLN A 373 8.74 -14.33 6.81
CA GLN A 373 10.02 -14.59 6.16
C GLN A 373 10.80 -13.31 5.92
N ILE A 374 10.12 -12.24 5.50
CA ILE A 374 10.83 -11.01 5.16
C ILE A 374 11.28 -10.29 6.42
N LYS A 375 10.52 -10.39 7.51
CA LYS A 375 10.96 -9.81 8.77
C LYS A 375 12.20 -10.54 9.29
N ARG A 376 12.17 -11.88 9.26
CA ARG A 376 13.32 -12.68 9.67
C ARG A 376 14.57 -12.27 8.90
N GLU A 377 14.45 -12.14 7.58
CA GLU A 377 15.61 -11.85 6.75
C GLU A 377 16.13 -10.44 6.98
N LEU A 378 15.24 -9.45 7.06
CA LEU A 378 15.68 -8.08 7.28
C LEU A 378 16.41 -7.95 8.63
N ASN A 379 15.86 -8.57 9.67
CA ASN A 379 16.51 -8.52 10.97
C ASN A 379 17.94 -9.07 10.90
N HIS A 380 18.10 -10.24 10.27
CA HIS A 380 19.44 -10.80 10.10
C HIS A 380 20.34 -9.83 9.34
N LEU A 381 19.85 -9.27 8.23
CA LEU A 381 20.66 -8.38 7.42
C LEU A 381 21.16 -7.19 8.23
N LEU A 382 20.26 -6.51 8.93
CA LEU A 382 20.65 -5.32 9.68
C LEU A 382 21.65 -5.66 10.78
N TYR A 383 21.47 -6.80 11.43
CA TYR A 383 22.40 -7.21 12.48
C TYR A 383 23.79 -7.48 11.91
N GLN A 384 23.86 -8.02 10.70
CA GLN A 384 25.12 -8.37 10.08
C GLN A 384 25.77 -7.21 9.33
N ARG A 385 24.97 -6.28 8.82
CA ARG A 385 25.49 -5.16 8.03
C ARG A 385 26.01 -4.01 8.90
N GLY A 386 25.90 -4.12 10.22
CA GLY A 386 26.43 -3.10 11.10
C GLY A 386 25.46 -1.96 11.39
N TYR A 387 24.20 -2.29 11.66
CA TYR A 387 23.17 -1.32 11.99
C TYR A 387 22.65 -1.59 13.39
N TYR A 388 22.62 -0.56 14.23
CA TYR A 388 22.06 -0.70 15.57
C TYR A 388 20.55 -0.91 15.49
N ASN A 389 19.88 -0.20 14.60
CA ASN A 389 18.44 -0.38 14.40
C ASN A 389 18.10 -0.06 12.95
N LEU A 390 16.84 -0.26 12.60
CA LEU A 390 16.42 -0.07 11.21
C LEU A 390 16.48 1.39 10.80
N LYS A 391 16.10 2.30 11.70
CA LYS A 391 16.11 3.71 11.36
C LYS A 391 17.50 4.22 10.99
N GLU A 392 18.55 3.55 11.47
CA GLU A 392 19.90 3.95 11.12
C GLU A 392 20.20 3.72 9.63
N ALA A 393 19.49 2.78 9.01
CA ALA A 393 19.73 2.44 7.62
C ALA A 393 18.95 3.31 6.64
N ILE A 394 17.98 4.08 7.11
CA ILE A 394 17.25 4.97 6.21
C ILE A 394 18.23 5.98 5.64
N GLY A 395 18.19 6.16 4.33
CA GLY A 395 19.22 6.92 3.64
C GLY A 395 20.39 6.02 3.29
N ARG A 396 21.60 6.42 3.70
CA ARG A 396 22.78 5.59 3.52
C ARG A 396 22.99 5.17 2.06
N LYS A 397 22.52 5.99 1.13
CA LYS A 397 22.66 5.73 -0.30
C LYS A 397 22.36 4.27 -0.65
#